data_6C1Q
#
_entry.id   6C1Q
#
_cell.length_a   62.369
_cell.length_b   52.558
_cell.length_c   84.503
_cell.angle_alpha   90.000
_cell.angle_beta   107.750
_cell.angle_gamma   90.000
#
_symmetry.space_group_name_H-M   'P 1 21 1'
#
loop_
_entity.id
_entity.type
_entity.pdbx_description
1 polymer 'Soluble cytochrome b562, C5a anaphylatoxin chemotactic receptor 1 chimera'
2 polymer PMX53
3 non-polymer 1-(1,3-benzodioxol-5-yl)-~{N}-(1,3-benzodioxol-5-ylmethyl)-~{N}-[(3-butyl-2,5-diphenyl-imidazol-4-yl)methyl]methanamine
#
loop_
_entity_poly.entity_id
_entity_poly.type
_entity_poly.pdbx_seq_one_letter_code
_entity_poly.pdbx_strand_id
1 'polypeptide(L)'
;DYKDDDDVDADLEDNWETLNDNLKVIEKADNAAQVKDALTKMRAAALDAQKATPPKLEDKSPDSPEMKDFRHGFDILVGQ
IDDALKLANEGKVKEAQAAAEQLKTTRNAYIQKYLSNTLRVPDILALVIFAVVFLVGVLGNALVVWVTAFEAKRTINAIW
FLNLAVADFLSCLALPILFTSIVQHHHWPFGGAACSILPSLILLNMYASILLLATISADRFLLVFKPIW(YCM)QNFRGA
GLAWIACAVAWGLALLLTIPSFLYRVVREEYFPPKVLCGVDYSHDKRRERAVAIVRLVLGFLWPLLTLTICYTFILLRTW
SRRATRSTKTLKVVVAVVASFFIFWLPYQVTGIMMSFLEPSSPTFLLLKKLDSLCVSFAYINCCINPIIYVVAGQGFQGR
LRKSLPSLLRNVLTEESVVRENLYFQ
;
B
2 'polypeptide(L)' (ACE)F(ORN)P(ZAL)WR L
#
# COMPACT_ATOMS: atom_id res chain seq x y z
N ASP A 11 15.44 -18.17 17.58
CA ASP A 11 14.13 -18.44 17.01
C ASP A 11 13.05 -18.51 18.09
N LEU A 12 12.91 -17.40 18.82
CA LEU A 12 11.85 -17.27 19.83
C LEU A 12 10.55 -16.92 19.15
N GLU A 13 10.58 -15.81 18.40
CA GLU A 13 9.42 -15.30 17.69
C GLU A 13 9.12 -16.18 16.50
N ASP A 14 10.16 -16.84 15.98
CA ASP A 14 10.06 -17.60 14.74
C ASP A 14 9.28 -18.89 14.89
N ASN A 15 9.47 -19.57 16.02
CA ASN A 15 8.70 -20.78 16.30
C ASN A 15 7.22 -20.46 16.38
N TRP A 16 6.90 -19.35 17.05
CA TRP A 16 5.53 -18.88 17.15
C TRP A 16 4.96 -18.53 15.78
N GLU A 17 5.80 -17.91 14.95
CA GLU A 17 5.40 -17.54 13.59
C GLU A 17 5.09 -18.77 12.74
N THR A 18 5.92 -19.80 12.88
CA THR A 18 5.69 -21.07 12.20
C THR A 18 4.39 -21.69 12.70
N LEU A 19 4.14 -21.54 14.00
CA LEU A 19 2.92 -22.07 14.61
C LEU A 19 1.68 -21.42 14.02
N ASN A 20 1.62 -20.09 14.01
CA ASN A 20 0.47 -19.38 13.47
C ASN A 20 0.32 -19.58 11.96
N ASP A 21 1.43 -19.59 11.24
CA ASP A 21 1.40 -19.82 9.80
C ASP A 21 0.80 -21.19 9.49
N ASN A 22 1.32 -22.23 10.13
CA ASN A 22 0.80 -23.58 9.91
C ASN A 22 -0.61 -23.75 10.45
N LEU A 23 -0.96 -22.92 11.44
CA LEU A 23 -2.31 -22.91 11.99
C LEU A 23 -3.29 -22.42 10.93
N LYS A 24 -2.88 -21.37 10.21
CA LYS A 24 -3.68 -20.84 9.13
C LYS A 24 -3.70 -21.82 7.95
N VAL A 25 -2.60 -22.55 7.79
CA VAL A 25 -2.52 -23.61 6.79
C VAL A 25 -3.55 -24.70 7.08
N ILE A 26 -3.68 -25.07 8.34
CA ILE A 26 -4.67 -26.06 8.76
C ILE A 26 -6.07 -25.52 8.57
N GLU A 27 -6.26 -24.24 8.91
CA GLU A 27 -7.53 -23.58 8.67
C GLU A 27 -7.90 -23.61 7.19
N LYS A 28 -6.89 -23.52 6.33
CA LYS A 28 -7.10 -23.58 4.89
C LYS A 28 -6.49 -24.85 4.29
N ALA A 29 -6.82 -26.00 4.88
CA ALA A 29 -6.23 -27.27 4.47
C ALA A 29 -7.06 -27.98 3.40
N ASP A 30 -6.37 -28.66 2.50
CA ASP A 30 -7.01 -29.31 1.35
C ASP A 30 -7.37 -30.76 1.67
N ASN A 31 -6.50 -31.44 2.39
CA ASN A 31 -6.71 -32.84 2.77
C ASN A 31 -6.13 -33.14 4.14
N ALA A 32 -6.29 -34.39 4.59
CA ALA A 32 -5.78 -34.82 5.88
C ALA A 32 -4.26 -34.80 5.91
N ALA A 33 -3.64 -35.03 4.75
CA ALA A 33 -2.18 -35.10 4.66
C ALA A 33 -1.55 -33.75 4.99
N GLN A 34 -2.11 -32.67 4.43
CA GLN A 34 -1.61 -31.32 4.69
C GLN A 34 -1.78 -30.97 6.16
N VAL A 35 -2.88 -31.41 6.74
CA VAL A 35 -3.14 -31.20 8.16
C VAL A 35 -2.05 -31.89 9.00
N LYS A 36 -1.75 -33.14 8.64
CA LYS A 36 -0.73 -33.90 9.35
C LYS A 36 0.65 -33.26 9.24
N ASP A 37 0.99 -32.80 8.04
CA ASP A 37 2.28 -32.16 7.81
C ASP A 37 2.42 -30.87 8.61
N ALA A 38 1.38 -30.04 8.52
CA ALA A 38 1.35 -28.78 9.25
C ALA A 38 1.45 -29.01 10.76
N LEU A 39 0.71 -29.99 11.26
CA LEU A 39 0.76 -30.36 12.66
C LEU A 39 2.12 -30.90 13.06
N THR A 40 2.83 -31.51 12.10
CA THR A 40 4.17 -32.02 12.34
C THR A 40 5.14 -30.86 12.52
N LYS A 41 5.06 -29.89 11.61
CA LYS A 41 5.88 -28.69 11.72
C LYS A 41 5.58 -27.91 12.99
N MET A 42 4.31 -27.88 13.36
CA MET A 42 3.88 -27.20 14.59
C MET A 42 4.41 -27.92 15.82
N ARG A 43 4.45 -29.25 15.75
CA ARG A 43 4.97 -30.05 16.85
C ARG A 43 6.46 -29.78 17.02
N ALA A 44 7.17 -29.76 15.90
CA ALA A 44 8.60 -29.50 15.90
C ALA A 44 8.91 -28.12 16.45
N ALA A 45 8.12 -27.13 16.03
CA ALA A 45 8.33 -25.75 16.45
C ALA A 45 7.96 -25.52 17.91
N ALA A 46 6.95 -26.24 18.38
CA ALA A 46 6.50 -26.11 19.77
C ALA A 46 7.49 -26.79 20.70
N LEU A 47 8.03 -27.92 20.27
CA LEU A 47 9.03 -28.64 21.06
C LEU A 47 10.37 -27.93 21.02
N ASP A 48 10.63 -27.20 19.95
CA ASP A 48 11.87 -26.47 19.80
C ASP A 48 11.95 -25.33 20.82
N ALA A 49 10.81 -24.73 21.10
CA ALA A 49 10.73 -23.65 22.08
C ALA A 49 10.88 -24.19 23.50
N SER A 64 13.90 -22.64 37.29
CA SER A 64 13.13 -21.40 37.37
C SER A 64 11.63 -21.70 37.44
N PRO A 65 10.92 -20.96 38.31
CA PRO A 65 9.47 -21.12 38.48
C PRO A 65 8.68 -20.59 37.28
N GLU A 66 9.26 -19.61 36.57
CA GLU A 66 8.61 -19.07 35.39
C GLU A 66 8.86 -19.95 34.18
N MET A 67 10.08 -20.48 34.09
CA MET A 67 10.45 -21.36 32.99
C MET A 67 9.66 -22.66 33.03
N LYS A 68 9.35 -23.11 34.24
CA LYS A 68 8.57 -24.33 34.42
C LYS A 68 7.12 -24.11 33.98
N ASP A 69 6.66 -22.87 34.07
CA ASP A 69 5.29 -22.53 33.71
C ASP A 69 5.13 -22.31 32.21
N PHE A 70 6.12 -21.67 31.60
CA PHE A 70 6.13 -21.48 30.16
C PHE A 70 6.35 -22.83 29.46
N ARG A 71 7.21 -23.66 30.06
CA ARG A 71 7.42 -25.01 29.55
C ARG A 71 6.17 -25.84 29.76
N HIS A 72 5.45 -25.57 30.85
CA HIS A 72 4.17 -26.23 31.13
C HIS A 72 3.17 -25.91 30.01
N GLY A 73 3.07 -24.61 29.69
CA GLY A 73 2.21 -24.16 28.61
C GLY A 73 2.58 -24.81 27.30
N PHE A 74 3.87 -24.84 27.00
CA PHE A 74 4.37 -25.51 25.80
C PHE A 74 4.00 -26.99 25.80
N ASP A 75 3.99 -27.61 26.98
CA ASP A 75 3.65 -29.01 27.11
C ASP A 75 2.19 -29.27 26.79
N ILE A 76 1.31 -28.42 27.33
CA ILE A 76 -0.10 -28.50 27.02
C ILE A 76 -0.31 -28.32 25.51
N LEU A 77 0.44 -27.38 24.94
CA LEU A 77 0.40 -27.10 23.51
C LEU A 77 0.76 -28.35 22.69
N VAL A 78 1.90 -28.94 23.00
CA VAL A 78 2.38 -30.16 22.33
C VAL A 78 1.37 -31.30 22.48
N GLY A 79 0.76 -31.39 23.66
CA GLY A 79 -0.24 -32.41 23.91
C GLY A 79 -1.44 -32.27 22.98
N GLN A 80 -1.97 -31.04 22.91
CA GLN A 80 -3.09 -30.76 22.03
C GLN A 80 -2.71 -31.01 20.56
N ILE A 81 -1.48 -30.67 20.21
CA ILE A 81 -0.96 -30.92 18.86
C ILE A 81 -0.93 -32.42 18.56
N ASP A 82 -0.59 -33.21 19.56
CA ASP A 82 -0.49 -34.66 19.40
C ASP A 82 -1.88 -35.29 19.28
N ASP A 83 -2.83 -34.72 20.01
CA ASP A 83 -4.22 -35.14 19.91
C ASP A 83 -4.74 -34.90 18.50
N ALA A 84 -4.57 -33.65 18.05
CA ALA A 84 -4.96 -33.26 16.69
C ALA A 84 -4.25 -34.12 15.64
N LEU A 85 -3.01 -34.50 15.94
CA LEU A 85 -2.20 -35.30 15.04
C LEU A 85 -2.76 -36.72 14.94
N LYS A 86 -3.25 -37.23 16.06
CA LYS A 86 -3.94 -38.52 16.07
C LYS A 86 -5.18 -38.43 15.20
N LEU A 87 -5.95 -37.36 15.37
CA LEU A 87 -7.15 -37.16 14.56
C LEU A 87 -6.85 -37.09 13.06
N ALA A 88 -5.79 -36.39 12.69
CA ALA A 88 -5.39 -36.28 11.29
C ALA A 88 -4.92 -37.62 10.74
N ASN A 89 -4.20 -38.36 11.58
CA ASN A 89 -3.70 -39.68 11.21
C ASN A 89 -4.83 -40.68 10.99
N GLU A 90 -5.94 -40.47 11.70
CA GLU A 90 -7.11 -41.31 11.48
C GLU A 90 -7.72 -41.05 10.10
N GLY A 91 -8.04 -39.79 9.83
CA GLY A 91 -8.65 -39.43 8.57
C GLY A 91 -9.78 -38.41 8.72
N LYS A 92 -9.98 -37.95 9.95
CA LYS A 92 -10.99 -36.94 10.22
C LYS A 92 -10.39 -35.54 10.09
N VAL A 93 -10.44 -35.00 8.87
CA VAL A 93 -9.88 -33.68 8.59
C VAL A 93 -10.56 -32.58 9.41
N LYS A 94 -11.89 -32.52 9.30
CA LYS A 94 -12.67 -31.48 9.99
C LYS A 94 -12.47 -31.50 11.51
N GLU A 95 -12.47 -32.70 12.09
CA GLU A 95 -12.31 -32.84 13.53
C GLU A 95 -10.93 -32.38 14.00
N ALA A 96 -9.91 -32.75 13.23
CA ALA A 96 -8.55 -32.33 13.50
C ALA A 96 -8.44 -30.80 13.44
N GLN A 97 -9.12 -30.21 12.46
CA GLN A 97 -9.13 -28.75 12.33
C GLN A 97 -9.83 -28.11 13.53
N ALA A 98 -10.88 -28.74 14.06
CA ALA A 98 -11.55 -28.25 15.25
C ALA A 98 -10.61 -28.23 16.46
N ALA A 99 -9.98 -29.39 16.68
CA ALA A 99 -8.95 -29.50 17.71
C ALA A 99 -7.90 -28.40 17.55
N ALA A 100 -7.59 -28.07 16.30
CA ALA A 100 -6.63 -27.01 16.01
C ALA A 100 -7.16 -25.63 16.40
N GLU A 101 -8.46 -25.42 16.26
CA GLU A 101 -9.05 -24.16 16.70
C GLU A 101 -8.87 -24.01 18.21
N GLN A 102 -9.24 -25.07 18.94
CA GLN A 102 -8.99 -25.09 20.38
C GLN A 102 -7.51 -24.81 20.69
N LEU A 103 -6.64 -25.38 19.86
CA LEU A 103 -5.20 -25.17 19.97
C LEU A 103 -4.85 -23.70 19.87
N LYS A 104 -5.51 -23.01 18.95
CA LYS A 104 -5.34 -21.57 18.80
C LYS A 104 -5.72 -20.84 20.08
N THR A 105 -6.83 -21.25 20.70
CA THR A 105 -7.25 -20.58 21.93
C THR A 105 -6.23 -20.76 23.08
N THR A 106 -5.84 -22.01 23.35
CA THR A 106 -4.89 -22.27 24.44
C THR A 106 -3.54 -21.62 24.17
N ARG A 107 -3.08 -21.71 22.93
CA ARG A 107 -1.86 -21.01 22.50
C ARG A 107 -1.98 -19.53 22.78
N ASN A 108 -3.17 -18.98 22.59
CA ASN A 108 -3.43 -17.57 22.85
C ASN A 108 -3.30 -17.24 24.32
N ALA A 109 -3.81 -18.12 25.18
CA ALA A 109 -3.67 -17.90 26.63
C ALA A 109 -2.20 -17.98 27.06
N TYR A 110 -1.46 -18.91 26.47
CA TYR A 110 -0.06 -19.14 26.84
C TYR A 110 0.87 -18.05 26.33
N ILE A 111 0.52 -17.44 25.20
CA ILE A 111 1.31 -16.35 24.64
C ILE A 111 0.93 -15.02 25.30
N GLN A 112 -0.34 -14.88 25.63
CA GLN A 112 -0.82 -13.70 26.34
C GLN A 112 -0.26 -13.70 27.76
N LYS A 113 0.01 -14.89 28.28
CA LYS A 113 0.68 -15.02 29.57
C LYS A 113 2.03 -14.30 29.51
N TYR A 114 2.83 -14.65 28.50
CA TYR A 114 4.14 -14.04 28.32
C TYR A 114 4.15 -13.08 27.14
N THR A 118 7.07 -7.98 20.13
CA THR A 118 7.97 -7.83 18.99
C THR A 118 7.19 -7.53 17.71
N LEU A 119 7.79 -6.73 16.84
CA LEU A 119 7.18 -6.39 15.57
C LEU A 119 8.13 -6.73 14.43
N ARG A 120 7.58 -7.01 13.25
CA ARG A 120 8.39 -7.39 12.10
C ARG A 120 9.26 -6.23 11.62
N VAL A 121 10.43 -6.56 11.09
CA VAL A 121 11.32 -5.57 10.49
C VAL A 121 10.63 -4.76 9.38
N PRO A 122 9.90 -5.41 8.46
CA PRO A 122 9.28 -4.60 7.40
C PRO A 122 8.26 -3.60 7.91
N ASP A 123 7.56 -3.94 9.00
CA ASP A 123 6.59 -3.02 9.59
C ASP A 123 7.31 -1.81 10.19
N ILE A 124 8.50 -2.04 10.73
CA ILE A 124 9.31 -0.97 11.30
C ILE A 124 9.81 -0.03 10.20
N LEU A 125 10.32 -0.62 9.12
CA LEU A 125 10.73 0.16 7.96
C LEU A 125 9.54 0.98 7.44
N ALA A 126 8.37 0.34 7.45
CA ALA A 126 7.14 1.00 7.03
C ALA A 126 6.80 2.18 7.94
N LEU A 127 7.11 2.02 9.22
CA LEU A 127 6.88 3.10 10.19
C LEU A 127 7.81 4.29 9.90
N VAL A 128 9.08 3.99 9.69
CA VAL A 128 10.06 5.02 9.36
C VAL A 128 9.66 5.79 8.11
N ILE A 129 9.39 5.04 7.04
CA ILE A 129 8.96 5.62 5.77
C ILE A 129 7.69 6.46 5.95
N PHE A 130 6.70 5.92 6.66
CA PHE A 130 5.46 6.64 6.92
C PHE A 130 5.73 7.97 7.62
N ALA A 131 6.65 7.95 8.56
CA ALA A 131 7.00 9.14 9.33
C ALA A 131 7.63 10.21 8.45
N VAL A 132 8.70 9.85 7.74
CA VAL A 132 9.41 10.83 6.91
C VAL A 132 8.51 11.35 5.78
N VAL A 133 7.73 10.46 5.17
CA VAL A 133 6.79 10.84 4.12
C VAL A 133 5.72 11.75 4.68
N PHE A 134 5.36 11.54 5.95
CA PHE A 134 4.37 12.41 6.58
C PHE A 134 4.93 13.81 6.77
N LEU A 135 6.12 13.92 7.37
CA LEU A 135 6.72 15.23 7.59
C LEU A 135 6.95 15.99 6.28
N VAL A 136 7.69 15.35 5.37
CA VAL A 136 8.04 15.97 4.09
C VAL A 136 6.81 16.26 3.23
N GLY A 137 5.83 15.38 3.29
CA GLY A 137 4.61 15.52 2.51
C GLY A 137 3.76 16.66 3.02
N VAL A 138 3.54 16.68 4.33
CA VAL A 138 2.72 17.72 4.95
C VAL A 138 3.36 19.09 4.79
N LEU A 139 4.58 19.25 5.29
CA LEU A 139 5.25 20.55 5.23
C LEU A 139 5.52 20.97 3.79
N GLY A 140 6.10 20.06 3.03
CA GLY A 140 6.42 20.30 1.64
C GLY A 140 5.23 20.67 0.79
N ASN A 141 4.18 19.86 0.81
CA ASN A 141 3.00 20.14 0.00
C ASN A 141 2.20 21.32 0.52
N ALA A 142 2.28 21.60 1.83
CA ALA A 142 1.65 22.81 2.36
C ALA A 142 2.34 24.03 1.76
N LEU A 143 3.67 23.95 1.70
CA LEU A 143 4.46 25.04 1.13
C LEU A 143 4.21 25.19 -0.37
N VAL A 144 4.13 24.06 -1.08
CA VAL A 144 3.88 24.06 -2.51
C VAL A 144 2.50 24.65 -2.81
N VAL A 145 1.49 24.22 -2.06
CA VAL A 145 0.14 24.75 -2.21
C VAL A 145 0.14 26.25 -1.96
N TRP A 146 0.77 26.67 -0.86
CA TRP A 146 0.96 28.08 -0.55
C TRP A 146 1.53 28.83 -1.74
N VAL A 147 2.57 28.26 -2.37
CA VAL A 147 3.28 28.92 -3.46
C VAL A 147 2.45 29.02 -4.74
N THR A 148 1.86 27.91 -5.15
CA THR A 148 1.08 27.87 -6.38
C THR A 148 -0.26 28.60 -6.27
N ALA A 149 -0.73 28.80 -5.04
CA ALA A 149 -2.03 29.42 -4.80
C ALA A 149 -2.05 30.88 -5.26
N PHE A 150 -0.94 31.58 -5.10
CA PHE A 150 -0.84 32.96 -5.55
C PHE A 150 -1.07 33.09 -7.06
N GLU A 151 -0.47 32.18 -7.82
CA GLU A 151 -0.42 32.30 -9.28
C GLU A 151 -1.36 31.35 -10.00
N ALA A 152 -2.28 30.74 -9.23
CA ALA A 152 -3.08 29.63 -9.74
C ALA A 152 -3.93 29.98 -10.96
N LYS A 153 -4.52 31.17 -10.98
CA LYS A 153 -5.39 31.54 -12.09
C LYS A 153 -4.69 32.49 -13.07
N ARG A 154 -3.38 32.61 -12.90
CA ARG A 154 -2.56 33.42 -13.79
C ARG A 154 -1.71 32.52 -14.70
N THR A 155 -1.32 31.36 -14.18
CA THR A 155 -0.49 30.42 -14.95
C THR A 155 -0.99 28.98 -14.85
N ILE A 156 -0.90 28.26 -15.97
CA ILE A 156 -1.42 26.89 -16.06
C ILE A 156 -0.58 25.89 -15.26
N ASN A 157 0.74 26.05 -15.33
CA ASN A 157 1.65 25.20 -14.57
C ASN A 157 1.33 25.22 -13.08
N ALA A 158 0.97 26.41 -12.59
CA ALA A 158 0.58 26.57 -11.19
C ALA A 158 -0.66 25.73 -10.89
N ILE A 159 -1.60 25.68 -11.83
CA ILE A 159 -2.78 24.84 -11.70
C ILE A 159 -2.37 23.37 -11.57
N TRP A 160 -1.55 22.91 -12.51
CA TRP A 160 -1.08 21.53 -12.49
C TRP A 160 -0.45 21.16 -11.14
N PHE A 161 0.62 21.87 -10.79
CA PHE A 161 1.37 21.59 -9.58
C PHE A 161 0.50 21.73 -8.31
N LEU A 162 -0.44 22.66 -8.35
CA LEU A 162 -1.39 22.82 -7.26
C LEU A 162 -2.20 21.55 -7.07
N ASN A 163 -2.79 21.05 -8.15
CA ASN A 163 -3.59 19.84 -8.07
C ASN A 163 -2.79 18.64 -7.60
N LEU A 164 -1.58 18.48 -8.13
CA LEU A 164 -0.70 17.39 -7.69
C LEU A 164 -0.41 17.47 -6.18
N ALA A 165 -0.08 18.68 -5.72
CA ALA A 165 0.24 18.91 -4.32
C ALA A 165 -0.96 18.65 -3.41
N VAL A 166 -2.15 19.04 -3.87
CA VAL A 166 -3.37 18.82 -3.10
C VAL A 166 -3.65 17.33 -2.98
N ALA A 167 -3.55 16.60 -4.08
CA ALA A 167 -3.72 15.15 -4.05
C ALA A 167 -2.78 14.53 -3.02
N ASP A 168 -1.49 14.79 -3.20
CA ASP A 168 -0.46 14.22 -2.32
C ASP A 168 -0.68 14.56 -0.85
N PHE A 169 -1.02 15.82 -0.57
CA PHE A 169 -1.23 16.28 0.81
C PHE A 169 -2.43 15.59 1.45
N LEU A 170 -3.55 15.64 0.74
CA LEU A 170 -4.76 14.97 1.21
C LEU A 170 -4.48 13.51 1.51
N SER A 171 -3.72 12.86 0.63
CA SER A 171 -3.32 11.48 0.90
C SER A 171 -2.46 11.38 2.15
N CYS A 172 -1.63 12.40 2.37
CA CYS A 172 -0.70 12.39 3.50
C CYS A 172 -1.39 12.55 4.84
N LEU A 173 -2.57 13.15 4.84
CA LEU A 173 -3.33 13.32 6.09
C LEU A 173 -3.69 11.99 6.76
N ALA A 174 -3.74 10.92 5.98
CA ALA A 174 -4.18 9.63 6.49
C ALA A 174 -3.07 8.89 7.24
N LEU A 175 -1.83 9.28 7.00
CA LEU A 175 -0.66 8.56 7.51
C LEU A 175 -0.55 8.38 9.03
N PRO A 176 -0.85 9.41 9.85
CA PRO A 176 -0.70 9.20 11.29
C PRO A 176 -1.54 8.06 11.87
N ILE A 177 -2.75 7.90 11.36
CA ILE A 177 -3.64 6.86 11.85
C ILE A 177 -3.15 5.47 11.43
N LEU A 178 -2.67 5.36 10.20
CA LEU A 178 -2.06 4.12 9.72
C LEU A 178 -0.86 3.76 10.58
N PHE A 179 -0.03 4.76 10.87
CA PHE A 179 1.13 4.61 11.73
C PHE A 179 0.72 4.06 13.09
N THR A 180 -0.26 4.72 13.70
CA THR A 180 -0.79 4.29 14.99
C THR A 180 -1.26 2.85 14.97
N SER A 181 -2.00 2.48 13.91
CA SER A 181 -2.54 1.13 13.78
C SER A 181 -1.43 0.09 13.65
N ILE A 182 -0.38 0.41 12.88
CA ILE A 182 0.73 -0.51 12.70
C ILE A 182 1.51 -0.68 14.00
N VAL A 183 1.71 0.42 14.72
CA VAL A 183 2.37 0.37 16.02
C VAL A 183 1.59 -0.53 16.98
N GLN A 184 0.27 -0.49 16.88
CA GLN A 184 -0.59 -1.29 17.74
C GLN A 184 -0.95 -2.64 17.12
N HIS A 185 -0.04 -3.17 16.32
CA HIS A 185 -0.19 -4.50 15.72
C HIS A 185 -1.50 -4.68 14.93
N HIS A 186 -1.73 -3.78 13.98
CA HIS A 186 -2.87 -3.83 13.06
C HIS A 186 -4.22 -3.54 13.71
N HIS A 187 -4.22 -3.26 15.00
CA HIS A 187 -5.46 -2.96 15.73
C HIS A 187 -6.13 -1.68 15.20
N TRP A 188 -7.43 -1.76 14.91
CA TRP A 188 -8.15 -0.64 14.33
C TRP A 188 -9.35 -0.21 15.16
N PRO A 189 -9.16 0.79 16.05
CA PRO A 189 -10.24 1.28 16.89
C PRO A 189 -10.97 2.51 16.34
N PHE A 190 -10.93 2.72 15.03
CA PHE A 190 -11.47 3.95 14.45
C PHE A 190 -12.81 3.77 13.74
N GLY A 191 -13.31 2.54 13.71
CA GLY A 191 -14.61 2.26 13.12
C GLY A 191 -14.55 1.81 11.67
N GLY A 192 -15.66 1.28 11.18
CA GLY A 192 -15.73 0.75 9.83
C GLY A 192 -15.64 1.80 8.73
N ALA A 193 -16.24 2.96 8.99
CA ALA A 193 -16.24 4.05 8.03
C ALA A 193 -14.82 4.54 7.75
N ALA A 194 -14.09 4.83 8.81
CA ALA A 194 -12.70 5.28 8.71
C ALA A 194 -11.84 4.20 8.03
N CYS A 195 -12.12 2.95 8.38
CA CYS A 195 -11.45 1.81 7.78
C CYS A 195 -11.69 1.75 6.28
N SER A 196 -12.88 2.18 5.86
CA SER A 196 -13.22 2.19 4.46
C SER A 196 -12.54 3.35 3.73
N ILE A 197 -12.53 4.52 4.37
CA ILE A 197 -12.09 5.74 3.67
C ILE A 197 -10.58 6.01 3.72
N LEU A 198 -9.98 5.98 4.91
CA LEU A 198 -8.60 6.43 5.08
C LEU A 198 -7.55 5.56 4.35
N PRO A 199 -7.64 4.22 4.46
CA PRO A 199 -6.65 3.44 3.71
C PRO A 199 -6.83 3.49 2.19
N SER A 200 -7.98 3.97 1.73
CA SER A 200 -8.28 4.06 0.29
C SER A 200 -7.71 5.33 -0.35
N LEU A 201 -7.38 6.30 0.51
CA LEU A 201 -6.89 7.59 0.07
C LEU A 201 -5.60 7.50 -0.74
N ILE A 202 -4.79 6.48 -0.47
CA ILE A 202 -3.54 6.32 -1.21
C ILE A 202 -3.84 5.85 -2.63
N LEU A 203 -4.88 5.05 -2.78
CA LEU A 203 -5.31 4.59 -4.09
C LEU A 203 -5.89 5.76 -4.88
N LEU A 204 -6.69 6.57 -4.18
CA LEU A 204 -7.21 7.79 -4.76
C LEU A 204 -6.06 8.68 -5.24
N ASN A 205 -5.01 8.75 -4.43
CA ASN A 205 -3.82 9.51 -4.78
C ASN A 205 -3.16 8.96 -6.03
N MET A 206 -3.11 7.64 -6.14
CA MET A 206 -2.57 7.00 -7.33
C MET A 206 -3.32 7.44 -8.59
N TYR A 207 -4.63 7.21 -8.61
CA TYR A 207 -5.43 7.50 -9.80
C TYR A 207 -5.46 9.00 -10.14
N ALA A 208 -5.66 9.82 -9.12
CA ALA A 208 -5.66 11.26 -9.27
C ALA A 208 -4.33 11.73 -9.86
N SER A 209 -3.24 11.25 -9.28
CA SER A 209 -1.90 11.57 -9.76
C SER A 209 -1.72 11.21 -11.22
N ILE A 210 -2.04 9.97 -11.56
CA ILE A 210 -1.77 9.47 -12.91
C ILE A 210 -2.64 10.18 -13.96
N LEU A 211 -3.86 10.55 -13.59
CA LEU A 211 -4.75 11.27 -14.51
C LEU A 211 -4.29 12.71 -14.72
N LEU A 212 -3.99 13.38 -13.61
CA LEU A 212 -3.44 14.73 -13.65
C LEU A 212 -2.17 14.81 -14.49
N LEU A 213 -1.22 13.92 -14.17
CA LEU A 213 0.03 13.80 -14.89
C LEU A 213 -0.20 13.52 -16.37
N ALA A 214 -1.21 12.70 -16.66
CA ALA A 214 -1.54 12.39 -18.05
C ALA A 214 -1.99 13.65 -18.79
N THR A 215 -2.87 14.43 -18.16
CA THR A 215 -3.34 15.70 -18.73
C THR A 215 -2.18 16.67 -18.97
N ILE A 216 -1.32 16.79 -17.96
CA ILE A 216 -0.13 17.63 -18.04
C ILE A 216 0.76 17.22 -19.22
N SER A 217 0.89 15.91 -19.40
CA SER A 217 1.70 15.33 -20.48
C SER A 217 1.12 15.68 -21.84
N ALA A 218 -0.21 15.60 -21.92
CA ALA A 218 -0.91 16.02 -23.13
C ALA A 218 -0.59 17.49 -23.43
N ASP A 219 -0.62 18.30 -22.38
CA ASP A 219 -0.31 19.73 -22.49
C ASP A 219 1.10 19.95 -23.02
N ARG A 220 2.07 19.22 -22.48
CA ARG A 220 3.46 19.32 -22.92
C ARG A 220 3.60 18.96 -24.40
N PHE A 221 3.01 17.82 -24.76
CA PHE A 221 3.02 17.35 -26.13
C PHE A 221 2.49 18.42 -27.07
N LEU A 222 1.36 19.03 -26.73
CA LEU A 222 0.77 20.05 -27.57
C LEU A 222 1.63 21.32 -27.61
N LEU A 223 2.26 21.63 -26.50
CA LEU A 223 3.17 22.77 -26.41
C LEU A 223 4.33 22.60 -27.38
N VAL A 224 4.73 21.35 -27.60
CA VAL A 224 5.86 21.08 -28.50
C VAL A 224 5.44 20.91 -29.97
N PHE A 225 4.39 20.13 -30.21
CA PHE A 225 4.05 19.71 -31.57
C PHE A 225 2.85 20.42 -32.19
N LYS A 226 1.96 20.97 -31.36
CA LYS A 226 0.80 21.70 -31.88
C LYS A 226 0.62 23.03 -31.15
N PRO A 227 1.60 23.94 -31.27
CA PRO A 227 1.57 25.17 -30.47
C PRO A 227 0.39 26.09 -30.82
N ILE A 228 -0.02 26.09 -32.08
CA ILE A 228 -1.14 26.91 -32.54
C ILE A 228 -2.40 26.60 -31.72
N TRP A 229 -2.68 25.31 -31.52
CA TRP A 229 -3.79 24.88 -30.67
C TRP A 229 -3.72 25.58 -29.32
N GLN A 231 -2.25 28.38 -28.64
CA GLN A 231 -2.56 29.80 -28.82
C GLN A 231 -4.05 30.00 -29.04
N ASN A 232 -4.73 28.96 -29.51
CA ASN A 232 -6.17 29.02 -29.79
C ASN A 232 -7.04 28.57 -28.62
N PHE A 233 -6.57 27.58 -27.87
CA PHE A 233 -7.38 26.95 -26.83
C PHE A 233 -7.09 27.51 -25.44
N ARG A 234 -5.82 27.48 -25.04
CA ARG A 234 -5.39 27.67 -23.66
C ARG A 234 -6.05 28.82 -22.89
N GLY A 235 -6.76 28.43 -21.84
CA GLY A 235 -7.26 29.37 -20.85
C GLY A 235 -7.25 28.65 -19.52
N ALA A 236 -7.50 29.37 -18.43
CA ALA A 236 -7.58 28.76 -17.11
C ALA A 236 -8.71 27.73 -17.07
N GLY A 237 -9.80 28.03 -17.74
CA GLY A 237 -11.00 27.20 -17.73
C GLY A 237 -10.78 25.76 -18.16
N LEU A 238 -10.13 25.56 -19.30
CA LEU A 238 -9.87 24.21 -19.81
C LEU A 238 -9.02 23.39 -18.85
N ALA A 239 -8.01 24.04 -18.27
CA ALA A 239 -7.14 23.39 -17.29
C ALA A 239 -7.95 22.96 -16.06
N TRP A 240 -8.78 23.88 -15.56
CA TRP A 240 -9.61 23.58 -14.38
C TRP A 240 -10.61 22.47 -14.65
N ILE A 241 -11.20 22.47 -15.84
CA ILE A 241 -12.15 21.43 -16.23
C ILE A 241 -11.45 20.07 -16.30
N ALA A 242 -10.27 20.06 -16.92
CA ALA A 242 -9.47 18.86 -17.02
C ALA A 242 -9.14 18.31 -15.63
N CYS A 243 -8.80 19.21 -14.71
CA CYS A 243 -8.54 18.82 -13.33
C CYS A 243 -9.78 18.23 -12.66
N ALA A 244 -10.93 18.87 -12.90
CA ALA A 244 -12.19 18.41 -12.32
C ALA A 244 -12.54 17.00 -12.79
N VAL A 245 -12.40 16.78 -14.09
CA VAL A 245 -12.67 15.47 -14.68
C VAL A 245 -11.67 14.43 -14.16
N ALA A 246 -10.42 14.83 -14.00
CA ALA A 246 -9.40 13.94 -13.47
C ALA A 246 -9.76 13.50 -12.05
N TRP A 247 -10.18 14.45 -11.23
CA TRP A 247 -10.58 14.16 -9.85
C TRP A 247 -11.80 13.25 -9.78
N GLY A 248 -12.82 13.60 -10.55
CA GLY A 248 -14.04 12.80 -10.61
C GLY A 248 -13.75 11.36 -11.02
N LEU A 249 -12.96 11.22 -12.08
CA LEU A 249 -12.60 9.90 -12.59
C LEU A 249 -11.78 9.11 -11.57
N ALA A 250 -10.91 9.82 -10.84
CA ALA A 250 -10.11 9.18 -9.80
C ALA A 250 -11.00 8.63 -8.68
N LEU A 251 -11.95 9.45 -8.25
CA LEU A 251 -12.92 9.04 -7.24
C LEU A 251 -13.69 7.81 -7.70
N LEU A 252 -14.17 7.85 -8.94
CA LEU A 252 -14.93 6.74 -9.51
C LEU A 252 -14.09 5.47 -9.62
N LEU A 253 -12.80 5.64 -9.85
CA LEU A 253 -11.88 4.51 -9.94
C LEU A 253 -11.55 3.96 -8.55
N THR A 254 -11.73 4.80 -7.54
CA THR A 254 -11.37 4.42 -6.17
C THR A 254 -12.54 3.78 -5.40
N ILE A 255 -13.76 4.19 -5.69
CA ILE A 255 -14.91 3.68 -4.90
C ILE A 255 -15.14 2.15 -4.89
N PRO A 256 -14.87 1.44 -6.01
CA PRO A 256 -15.17 0.00 -5.93
C PRO A 256 -14.37 -0.75 -4.86
N SER A 257 -13.07 -0.46 -4.75
CA SER A 257 -12.25 -1.08 -3.72
C SER A 257 -12.67 -0.58 -2.34
N PHE A 258 -13.08 0.69 -2.29
CA PHE A 258 -13.53 1.34 -1.08
C PHE A 258 -14.71 0.61 -0.46
N LEU A 259 -15.62 0.14 -1.31
CA LEU A 259 -16.82 -0.57 -0.85
C LEU A 259 -16.52 -1.96 -0.33
N TYR A 260 -15.37 -2.52 -0.72
CA TYR A 260 -15.02 -3.88 -0.31
C TYR A 260 -14.12 -3.90 0.92
N ARG A 261 -13.99 -2.74 1.57
CA ARG A 261 -13.26 -2.66 2.82
C ARG A 261 -14.19 -2.96 4.00
N VAL A 262 -13.76 -3.86 4.87
CA VAL A 262 -14.55 -4.29 6.02
C VAL A 262 -13.64 -4.44 7.25
N VAL A 263 -14.22 -4.27 8.45
CA VAL A 263 -13.52 -4.57 9.68
C VAL A 263 -13.86 -5.99 10.15
N ARG A 264 -12.93 -6.62 10.86
CA ARG A 264 -13.19 -7.92 11.46
C ARG A 264 -12.60 -8.01 12.86
N GLU A 265 -13.40 -8.43 13.82
CA GLU A 265 -12.94 -8.53 15.20
C GLU A 265 -12.25 -9.88 15.45
N GLU A 266 -11.04 -9.81 16.00
CA GLU A 266 -10.29 -11.01 16.36
C GLU A 266 -10.42 -11.25 17.86
N TYR A 267 -10.68 -12.50 18.23
CA TYR A 267 -11.02 -12.84 19.61
C TYR A 267 -9.84 -13.38 20.42
N PHE A 268 -8.76 -13.75 19.74
CA PHE A 268 -7.61 -14.34 20.43
C PHE A 268 -6.29 -14.01 19.74
N PRO A 269 -5.62 -12.93 20.19
CA PRO A 269 -6.03 -12.02 21.26
C PRO A 269 -7.09 -11.03 20.79
N PRO A 270 -7.86 -10.45 21.72
CA PRO A 270 -8.91 -9.52 21.29
C PRO A 270 -8.34 -8.24 20.68
N LYS A 271 -8.77 -7.95 19.45
CA LYS A 271 -8.37 -6.72 18.76
C LYS A 271 -9.27 -6.53 17.54
N VAL A 272 -9.12 -5.40 16.86
CA VAL A 272 -9.91 -5.13 15.67
C VAL A 272 -9.02 -4.97 14.43
N LEU A 273 -9.35 -5.71 13.37
CA LEU A 273 -8.61 -5.63 12.14
C LEU A 273 -9.38 -4.83 11.10
N CYS A 274 -8.66 -4.02 10.32
CA CYS A 274 -9.24 -3.31 9.19
C CYS A 274 -8.65 -3.87 7.90
N GLY A 275 -9.49 -4.27 6.97
CA GLY A 275 -8.96 -4.84 5.74
C GLY A 275 -9.91 -4.92 4.57
N VAL A 276 -9.57 -5.76 3.61
CA VAL A 276 -10.41 -5.99 2.44
C VAL A 276 -11.09 -7.35 2.59
N ASP A 277 -12.24 -7.51 1.95
CA ASP A 277 -12.98 -8.76 2.06
C ASP A 277 -13.45 -9.26 0.70
N TYR A 278 -12.62 -10.11 0.09
CA TYR A 278 -12.99 -10.76 -1.16
C TYR A 278 -13.22 -12.24 -0.90
N SER A 279 -13.78 -12.53 0.28
CA SER A 279 -14.05 -13.91 0.69
C SER A 279 -15.06 -14.57 -0.23
N HIS A 280 -14.78 -15.82 -0.60
CA HIS A 280 -15.59 -16.57 -1.54
C HIS A 280 -15.68 -15.86 -2.89
N ASP A 281 -14.67 -15.06 -3.19
CA ASP A 281 -14.60 -14.34 -4.46
C ASP A 281 -13.15 -14.05 -4.83
N LYS A 282 -12.37 -15.12 -4.98
CA LYS A 282 -10.96 -15.03 -5.33
C LYS A 282 -10.78 -14.45 -6.74
N ARG A 283 -11.72 -14.79 -7.62
CA ARG A 283 -11.68 -14.31 -9.00
C ARG A 283 -11.85 -12.79 -9.05
N ARG A 284 -12.59 -12.25 -8.09
CA ARG A 284 -12.83 -10.82 -8.02
C ARG A 284 -11.60 -10.11 -7.51
N GLU A 285 -10.90 -10.77 -6.58
CA GLU A 285 -9.62 -10.27 -6.09
C GLU A 285 -8.62 -10.20 -7.22
N ARG A 286 -8.55 -11.27 -8.01
CA ARG A 286 -7.65 -11.31 -9.15
C ARG A 286 -8.03 -10.21 -10.15
N ALA A 287 -9.33 -10.04 -10.37
CA ALA A 287 -9.83 -9.02 -11.28
C ALA A 287 -9.40 -7.61 -10.85
N VAL A 288 -9.56 -7.32 -9.56
CA VAL A 288 -9.15 -6.04 -9.01
C VAL A 288 -7.65 -5.81 -9.16
N ALA A 289 -6.87 -6.83 -8.86
CA ALA A 289 -5.42 -6.75 -9.00
C ALA A 289 -5.01 -6.45 -10.45
N ILE A 290 -5.62 -7.16 -11.39
CA ILE A 290 -5.32 -7.01 -12.80
C ILE A 290 -5.72 -5.63 -13.32
N VAL A 291 -6.95 -5.22 -13.05
CA VAL A 291 -7.45 -3.92 -13.49
C VAL A 291 -6.61 -2.79 -12.91
N ARG A 292 -6.24 -2.92 -11.64
CA ARG A 292 -5.38 -1.93 -10.99
C ARG A 292 -4.00 -1.88 -11.65
N LEU A 293 -3.48 -3.05 -12.01
CA LEU A 293 -2.19 -3.13 -12.68
C LEU A 293 -2.23 -2.44 -14.04
N VAL A 294 -3.26 -2.72 -14.82
CA VAL A 294 -3.37 -2.19 -16.17
C VAL A 294 -3.67 -0.69 -16.19
N LEU A 295 -4.78 -0.29 -15.56
CA LEU A 295 -5.21 1.10 -15.59
C LEU A 295 -4.32 1.99 -14.73
N GLY A 296 -3.71 1.42 -13.70
CA GLY A 296 -2.94 2.21 -12.76
C GLY A 296 -1.45 2.24 -13.03
N PHE A 297 -0.96 1.37 -13.91
CA PHE A 297 0.48 1.27 -14.13
C PHE A 297 0.90 1.06 -15.58
N LEU A 298 0.47 -0.05 -16.17
CA LEU A 298 1.00 -0.47 -17.47
C LEU A 298 0.59 0.44 -18.63
N TRP A 299 -0.71 0.72 -18.74
CA TRP A 299 -1.21 1.63 -19.76
C TRP A 299 -0.59 3.04 -19.63
N PRO A 300 -0.56 3.60 -18.39
CA PRO A 300 0.12 4.89 -18.24
C PRO A 300 1.60 4.83 -18.59
N LEU A 301 2.26 3.75 -18.21
CA LEU A 301 3.67 3.57 -18.51
C LEU A 301 3.89 3.64 -20.02
N LEU A 302 3.14 2.83 -20.75
CA LEU A 302 3.19 2.80 -22.21
C LEU A 302 2.97 4.19 -22.81
N THR A 303 1.81 4.78 -22.54
CA THR A 303 1.42 6.04 -23.16
C THR A 303 2.35 7.20 -22.81
N LEU A 304 2.69 7.33 -21.54
CA LEU A 304 3.56 8.42 -21.10
C LEU A 304 4.98 8.24 -21.62
N THR A 305 5.44 7.00 -21.70
CA THR A 305 6.76 6.72 -22.27
C THR A 305 6.80 7.10 -23.74
N ILE A 306 5.74 6.77 -24.48
CA ILE A 306 5.63 7.21 -25.87
C ILE A 306 5.69 8.75 -25.93
N CYS A 307 4.84 9.38 -25.13
CA CYS A 307 4.72 10.83 -25.07
C CYS A 307 6.07 11.54 -24.90
N TYR A 308 6.78 11.15 -23.84
CA TYR A 308 8.04 11.82 -23.52
C TYR A 308 9.20 11.30 -24.38
N THR A 309 9.00 10.17 -25.05
CA THR A 309 9.97 9.76 -26.06
C THR A 309 9.91 10.79 -27.18
N PHE A 310 8.69 11.02 -27.68
CA PHE A 310 8.44 12.10 -28.64
C PHE A 310 9.08 13.42 -28.20
N ILE A 311 8.59 13.93 -27.08
CA ILE A 311 9.01 15.24 -26.58
C ILE A 311 10.53 15.34 -26.40
N LEU A 312 11.14 14.36 -25.75
CA LEU A 312 12.57 14.41 -25.46
C LEU A 312 13.43 14.28 -26.72
N LEU A 313 13.00 13.46 -27.66
CA LEU A 313 13.76 13.35 -28.91
C LEU A 313 13.71 14.67 -29.68
N ARG A 314 12.52 15.26 -29.75
CA ARG A 314 12.40 16.57 -30.40
C ARG A 314 13.28 17.61 -29.71
N THR A 315 13.23 17.63 -28.38
CA THR A 315 14.01 18.59 -27.60
C THR A 315 15.51 18.43 -27.80
N TRP A 316 15.96 17.18 -27.81
CA TRP A 316 17.38 16.86 -27.95
C TRP A 316 17.86 17.09 -29.38
N SER A 317 16.91 17.16 -30.32
CA SER A 317 17.26 17.50 -31.70
C SER A 317 17.32 19.01 -31.90
N ARG A 318 16.94 19.76 -30.86
CA ARG A 318 16.95 21.22 -30.93
C ARG A 318 17.84 21.83 -29.84
N SER A 323 12.26 26.01 -21.89
CA SER A 323 11.19 25.51 -21.03
C SER A 323 11.59 24.17 -20.38
N THR A 324 12.78 23.69 -20.74
CA THR A 324 13.28 22.41 -20.26
C THR A 324 13.37 22.33 -18.74
N LYS A 325 13.45 23.48 -18.10
CA LYS A 325 13.52 23.56 -16.64
C LYS A 325 12.29 22.92 -15.97
N THR A 326 11.11 23.29 -16.45
CA THR A 326 9.86 22.73 -15.93
C THR A 326 9.66 21.30 -16.44
N LEU A 327 9.96 21.10 -17.71
CA LEU A 327 9.77 19.81 -18.37
C LEU A 327 10.53 18.68 -17.69
N LYS A 328 11.78 18.95 -17.32
CA LYS A 328 12.60 17.96 -16.63
C LYS A 328 12.01 17.58 -15.28
N VAL A 329 11.44 18.58 -14.59
CA VAL A 329 10.76 18.36 -13.32
C VAL A 329 9.56 17.42 -13.52
N VAL A 330 8.74 17.73 -14.52
CA VAL A 330 7.57 16.90 -14.83
C VAL A 330 7.98 15.45 -15.15
N VAL A 331 9.01 15.31 -15.99
CA VAL A 331 9.55 14.00 -16.34
C VAL A 331 10.01 13.24 -15.09
N ALA A 332 10.69 13.96 -14.20
CA ALA A 332 11.17 13.37 -12.95
C ALA A 332 10.02 12.86 -12.09
N VAL A 333 8.96 13.66 -11.99
CA VAL A 333 7.78 13.25 -11.23
C VAL A 333 7.13 12.01 -11.83
N VAL A 334 6.93 12.03 -13.15
CA VAL A 334 6.35 10.89 -13.87
C VAL A 334 7.15 9.61 -13.61
N ALA A 335 8.47 9.71 -13.74
CA ALA A 335 9.34 8.57 -13.48
C ALA A 335 9.22 8.07 -12.05
N SER A 336 9.18 9.02 -11.10
CA SER A 336 9.08 8.68 -9.69
C SER A 336 7.79 7.93 -9.38
N PHE A 337 6.72 8.27 -10.08
CA PHE A 337 5.45 7.57 -9.93
C PHE A 337 5.63 6.06 -10.11
N PHE A 338 6.18 5.67 -11.26
CA PHE A 338 6.35 4.26 -11.59
C PHE A 338 7.42 3.61 -10.73
N ILE A 339 8.49 4.35 -10.44
CA ILE A 339 9.55 3.83 -9.57
C ILE A 339 9.01 3.43 -8.21
N PHE A 340 8.19 4.29 -7.61
CA PHE A 340 7.69 4.03 -6.26
C PHE A 340 6.40 3.21 -6.23
N TRP A 341 5.76 3.03 -7.38
CA TRP A 341 4.57 2.19 -7.43
C TRP A 341 4.84 0.76 -7.88
N LEU A 342 6.02 0.54 -8.48
CA LEU A 342 6.36 -0.77 -9.02
C LEU A 342 6.26 -1.93 -8.02
N PRO A 343 6.91 -1.82 -6.83
CA PRO A 343 6.85 -2.97 -5.92
C PRO A 343 5.43 -3.32 -5.46
N TYR A 344 4.61 -2.29 -5.22
CA TYR A 344 3.22 -2.48 -4.83
C TYR A 344 2.48 -3.31 -5.87
N GLN A 345 2.61 -2.91 -7.14
CA GLN A 345 1.94 -3.61 -8.23
C GLN A 345 2.42 -5.04 -8.38
N VAL A 346 3.74 -5.22 -8.37
CA VAL A 346 4.33 -6.56 -8.51
C VAL A 346 3.82 -7.49 -7.41
N THR A 347 4.00 -7.10 -6.16
CA THR A 347 3.56 -7.90 -5.02
C THR A 347 2.06 -8.15 -5.05
N GLY A 348 1.30 -7.16 -5.50
CA GLY A 348 -0.15 -7.27 -5.58
C GLY A 348 -0.59 -8.34 -6.57
N ILE A 349 -0.11 -8.24 -7.80
CA ILE A 349 -0.44 -9.21 -8.84
C ILE A 349 0.01 -10.63 -8.47
N MET A 350 1.28 -10.74 -8.09
CA MET A 350 1.82 -12.03 -7.65
C MET A 350 0.98 -12.63 -6.53
N MET A 351 0.59 -11.79 -5.57
CA MET A 351 -0.22 -12.24 -4.44
C MET A 351 -1.59 -12.72 -4.91
N SER A 352 -2.15 -12.02 -5.89
CA SER A 352 -3.45 -12.38 -6.43
C SER A 352 -3.39 -13.73 -7.14
N PHE A 353 -2.25 -14.06 -7.72
CA PHE A 353 -2.14 -15.35 -8.41
C PHE A 353 -1.65 -16.49 -7.51
N LEU A 354 -1.49 -16.21 -6.22
CA LEU A 354 -1.03 -17.23 -5.28
C LEU A 354 -2.14 -17.75 -4.37
N GLU A 355 -2.00 -19.00 -3.92
CA GLU A 355 -2.92 -19.56 -2.93
C GLU A 355 -2.63 -18.91 -1.58
N PRO A 356 -3.69 -18.58 -0.84
CA PRO A 356 -3.55 -17.93 0.47
C PRO A 356 -2.79 -18.76 1.50
N SER A 357 -2.61 -20.05 1.22
CA SER A 357 -1.94 -20.95 2.15
C SER A 357 -0.47 -21.18 1.77
N SER A 358 -0.02 -20.53 0.71
CA SER A 358 1.37 -20.68 0.27
C SER A 358 2.29 -19.74 1.06
N PRO A 359 3.51 -20.21 1.35
CA PRO A 359 4.52 -19.46 2.13
C PRO A 359 4.86 -18.11 1.50
N THR A 360 4.99 -18.06 0.18
CA THR A 360 5.29 -16.81 -0.52
C THR A 360 4.17 -15.81 -0.34
N PHE A 361 2.93 -16.31 -0.38
CA PHE A 361 1.75 -15.48 -0.16
C PHE A 361 1.78 -14.84 1.23
N LEU A 362 2.11 -15.65 2.23
CA LEU A 362 2.19 -15.17 3.60
C LEU A 362 3.30 -14.13 3.77
N LEU A 363 4.42 -14.39 3.11
CA LEU A 363 5.54 -13.46 3.10
C LEU A 363 5.12 -12.10 2.54
N LEU A 364 4.54 -12.13 1.34
CA LEU A 364 4.07 -10.91 0.69
C LEU A 364 3.02 -10.18 1.53
N LYS A 365 2.15 -10.96 2.17
CA LYS A 365 1.15 -10.43 3.08
C LYS A 365 1.84 -9.64 4.19
N LYS A 366 2.92 -10.20 4.70
CA LYS A 366 3.71 -9.53 5.72
C LYS A 366 4.42 -8.29 5.17
N LEU A 367 4.66 -8.27 3.86
CA LEU A 367 5.37 -7.17 3.22
C LEU A 367 4.45 -6.06 2.69
N ASP A 368 3.15 -6.29 2.78
CA ASP A 368 2.14 -5.39 2.23
C ASP A 368 2.33 -3.94 2.67
N SER A 369 2.46 -3.72 3.98
CA SER A 369 2.59 -2.38 4.53
C SER A 369 3.85 -1.68 4.06
N LEU A 370 4.94 -2.43 3.94
CA LEU A 370 6.20 -1.87 3.45
C LEU A 370 6.05 -1.42 2.01
N CYS A 371 5.46 -2.28 1.17
CA CYS A 371 5.24 -1.92 -0.22
C CYS A 371 4.33 -0.70 -0.35
N VAL A 372 3.30 -0.63 0.49
CA VAL A 372 2.38 0.51 0.48
C VAL A 372 3.08 1.80 0.91
N SER A 373 4.00 1.68 1.87
CA SER A 373 4.79 2.83 2.29
C SER A 373 5.66 3.33 1.14
N PHE A 374 6.29 2.38 0.47
CA PHE A 374 7.13 2.71 -0.69
C PHE A 374 6.31 3.42 -1.76
N ALA A 375 5.06 2.98 -1.93
CA ALA A 375 4.14 3.67 -2.83
C ALA A 375 3.83 5.06 -2.30
N TYR A 376 3.77 5.19 -0.99
CA TYR A 376 3.36 6.43 -0.32
C TYR A 376 4.43 7.50 -0.43
N ILE A 377 5.67 7.08 -0.70
CA ILE A 377 6.77 8.02 -0.94
C ILE A 377 6.44 9.03 -2.05
N ASN A 378 5.57 8.63 -2.97
CA ASN A 378 5.08 9.50 -4.04
C ASN A 378 4.41 10.78 -3.54
N CYS A 379 3.90 10.74 -2.32
CA CYS A 379 3.12 11.84 -1.77
C CYS A 379 4.00 12.87 -1.06
N CYS A 380 5.31 12.69 -1.18
CA CYS A 380 6.25 13.63 -0.58
C CYS A 380 7.45 13.86 -1.48
N ILE A 381 7.59 13.03 -2.51
CA ILE A 381 8.74 13.13 -3.39
C ILE A 381 8.71 14.38 -4.30
N ASN A 382 7.53 14.90 -4.60
CA ASN A 382 7.40 16.04 -5.51
C ASN A 382 8.08 17.32 -5.00
N PRO A 383 7.78 17.74 -3.75
CA PRO A 383 8.51 18.93 -3.27
C PRO A 383 10.02 18.72 -3.22
N ILE A 384 10.46 17.48 -3.01
CA ILE A 384 11.88 17.17 -3.01
C ILE A 384 12.49 17.45 -4.39
N ILE A 385 11.83 16.96 -5.44
CA ILE A 385 12.25 17.20 -6.81
C ILE A 385 12.31 18.70 -7.11
N TYR A 386 11.25 19.41 -6.71
CA TYR A 386 11.17 20.84 -6.91
C TYR A 386 12.35 21.56 -6.25
N VAL A 387 12.64 21.17 -5.01
CA VAL A 387 13.73 21.77 -4.24
C VAL A 387 15.10 21.47 -4.88
N VAL A 388 15.27 20.25 -5.38
CA VAL A 388 16.52 19.89 -6.03
C VAL A 388 16.75 20.70 -7.29
N ALA A 389 15.75 20.76 -8.17
CA ALA A 389 15.85 21.56 -9.38
C ALA A 389 16.13 23.03 -9.04
N GLY A 390 15.41 23.53 -8.05
CA GLY A 390 15.63 24.89 -7.58
C GLY A 390 17.05 25.12 -7.12
N GLN A 391 17.61 24.15 -6.41
CA GLN A 391 19.00 24.21 -5.95
C GLN A 391 19.93 24.22 -7.16
N GLY A 392 19.52 23.51 -8.21
CA GLY A 392 20.26 23.48 -9.45
C GLY A 392 20.00 24.71 -10.30
N PHE A 393 19.19 25.63 -9.78
CA PHE A 393 19.00 26.91 -10.44
C PHE A 393 19.93 28.00 -9.86
N GLN A 394 20.52 27.72 -8.71
CA GLN A 394 21.35 28.71 -8.04
C GLN A 394 22.64 28.97 -8.82
N SER A 400 14.96 32.69 -0.96
CA SER A 400 14.35 31.81 0.03
C SER A 400 13.73 30.58 -0.61
N LEU A 401 13.27 29.66 0.22
CA LEU A 401 12.66 28.41 -0.26
C LEU A 401 11.34 28.66 -1.03
N PRO A 402 10.40 29.44 -0.46
CA PRO A 402 9.19 29.66 -1.24
C PRO A 402 9.47 30.44 -2.52
N SER A 403 10.38 31.41 -2.46
CA SER A 403 10.79 32.17 -3.63
C SER A 403 11.33 31.26 -4.72
N LEU A 404 12.22 30.36 -4.29
CA LEU A 404 12.80 29.35 -5.17
C LEU A 404 11.71 28.52 -5.84
N LEU A 405 10.75 28.05 -5.04
CA LEU A 405 9.63 27.27 -5.58
C LEU A 405 8.79 28.07 -6.56
N ARG A 406 8.59 29.35 -6.26
CA ARG A 406 7.89 30.26 -7.15
C ARG A 406 8.59 30.30 -8.50
N ASN A 407 9.92 30.43 -8.47
CA ASN A 407 10.68 30.51 -9.71
C ASN A 407 10.68 29.17 -10.46
N VAL A 408 10.59 28.06 -9.72
CA VAL A 408 10.66 26.74 -10.35
C VAL A 408 9.34 26.36 -11.01
N LEU A 409 8.23 26.63 -10.33
CA LEU A 409 6.91 26.21 -10.80
C LEU A 409 6.23 27.29 -11.64
N THR A 410 7.01 28.05 -12.38
CA THR A 410 6.47 29.12 -13.22
C THR A 410 7.38 29.41 -14.42
N PHE B 2 -10.60 -12.74 3.88
CA PHE B 2 -10.30 -11.49 4.56
C PHE B 2 -8.79 -11.27 4.65
N PRO B 4 -6.13 -8.07 6.30
CA PRO B 4 -5.92 -6.75 6.90
C PRO B 4 -5.01 -5.87 6.06
N TRP B 6 -4.15 -3.58 3.00
CA TRP B 6 -4.53 -3.28 1.63
C TRP B 6 -4.62 -4.53 0.76
N ARG B 7 -3.71 -5.47 0.98
CA ARG B 7 -3.75 -6.75 0.28
C ARG B 7 -3.52 -7.90 1.26
#